data_5BO0
#
_entry.id   5BO0
#
_cell.length_a   112.964
_cell.length_b   112.964
_cell.length_c   98.226
_cell.angle_alpha   90.00
_cell.angle_beta   90.00
_cell.angle_gamma   120.00
#
_symmetry.space_group_name_H-M   'P 31 2 1'
#
loop_
_entity.id
_entity.type
_entity.pdbx_description
1 polymer 'Histone H3.2'
2 polymer 'Histone H4'
3 polymer 'DNA replication licensing factor MCM2'
4 polymer 'Histone chaperone ASF1B'
5 non-polymer GLYCEROL
#
loop_
_entity_poly.entity_id
_entity_poly.type
_entity_poly.pdbx_seq_one_letter_code
_entity_poly.pdbx_strand_id
1 'polypeptide(L)' KSTELLIRKLPFQRLVREIAQDFKTDLRFQSSAVMALQEASEAYLVGLFEDTNLCAIHAKRVTIMPKDIQLARRIRGERA A
2 'polypeptide(L)'
;SGRGKGGKGLGKGGAKRHRKVLRDNIQGITKPAIRRLARRGGVKRISGLIYEETRGVLKVFLENVIRDAVTYTEHAKRKT
VTAMDVVYALKRQGRTLYGFGG
;
B
3 'polypeptide(L)' GPLEEEEDGEELIGDGMERDYRAIPELDAYEAEGLALDDEDVEELTASQREAAERAMRQRDREAGRGLGR C
4 'polypeptide(L)'
;MAKVSVLNVAVLENPSPFHSPFRFEISFECSEALADDLEWKIIYVGSAESEEFDQILDSVLVGPVPAGRHMFVFQADAPN
PSLIPETDAVGVTVVLITCTYHGQEFIRVGYYVNNEYLNPELRENPPMKPDFSQLQRNILASNPRVTRFHINWDNNMD
;
D
#
# COMPACT_ATOMS: atom_id res chain seq x y z
N THR A 3 3.45 9.72 -24.29
CA THR A 3 4.68 9.36 -23.57
C THR A 3 4.46 8.66 -22.22
N GLU A 4 5.42 7.78 -21.89
CA GLU A 4 5.37 6.93 -20.70
C GLU A 4 6.05 7.55 -19.46
N LEU A 5 6.40 8.83 -19.55
CA LEU A 5 6.91 9.59 -18.40
C LEU A 5 6.03 9.45 -17.16
N LEU A 6 6.62 9.11 -16.01
CA LEU A 6 5.88 9.20 -14.76
C LEU A 6 6.46 10.24 -13.76
N ILE A 7 7.53 9.84 -13.07
CA ILE A 7 8.35 10.74 -12.24
C ILE A 7 9.67 10.89 -13.00
N ARG A 8 10.14 12.12 -13.14
CA ARG A 8 11.35 12.34 -13.92
C ARG A 8 12.61 11.86 -13.18
N LYS A 9 13.51 11.18 -13.90
CA LYS A 9 14.66 10.52 -13.28
C LYS A 9 15.50 11.34 -12.29
N LEU A 10 15.80 12.60 -12.62
CA LEU A 10 16.70 13.36 -11.76
C LEU A 10 16.10 13.77 -10.41
N PRO A 11 14.88 14.34 -10.42
CA PRO A 11 14.25 14.69 -9.14
C PRO A 11 14.10 13.49 -8.22
N PHE A 12 13.91 12.32 -8.83
CA PHE A 12 13.76 11.09 -8.08
C PHE A 12 15.08 10.69 -7.45
N GLN A 13 16.16 10.83 -8.22
CA GLN A 13 17.49 10.50 -7.74
C GLN A 13 17.80 11.40 -6.56
N ARG A 14 17.67 12.71 -6.78
CA ARG A 14 17.83 13.68 -5.69
C ARG A 14 17.01 13.33 -4.44
N LEU A 15 15.79 12.85 -4.64
CA LEU A 15 14.90 12.46 -3.53
C LEU A 15 15.42 11.28 -2.73
N VAL A 16 15.73 10.19 -3.43
CA VAL A 16 16.35 9.01 -2.85
C VAL A 16 17.60 9.40 -2.08
N ARG A 17 18.48 10.16 -2.71
CA ARG A 17 19.73 10.54 -2.06
C ARG A 17 19.49 11.23 -0.72
N GLU A 18 18.52 12.14 -0.69
CA GLU A 18 18.17 12.88 0.51
C GLU A 18 17.60 11.99 1.60
N ILE A 19 16.74 11.06 1.22
CA ILE A 19 16.09 10.18 2.18
C ILE A 19 17.15 9.27 2.79
N ALA A 20 18.04 8.77 1.94
CA ALA A 20 19.10 7.86 2.34
C ALA A 20 20.11 8.49 3.30
N GLN A 21 20.17 9.81 3.29
CA GLN A 21 21.12 10.58 4.08
C GLN A 21 20.81 10.52 5.58
N ASP A 22 19.55 10.27 5.92
CA ASP A 22 19.17 10.13 7.33
C ASP A 22 19.63 8.82 7.94
N PHE A 23 19.65 7.78 7.12
CA PHE A 23 20.03 6.44 7.59
C PHE A 23 21.52 6.21 7.69
N LYS A 24 22.25 6.66 6.69
CA LYS A 24 23.68 6.49 6.64
C LYS A 24 24.27 7.66 5.94
N THR A 25 25.50 8.00 6.29
CA THR A 25 26.11 9.17 5.74
C THR A 25 27.11 8.75 4.66
N ASP A 26 27.27 9.61 3.66
CA ASP A 26 28.15 9.33 2.53
C ASP A 26 27.81 8.03 1.78
N LEU A 27 26.57 7.92 1.30
CA LEU A 27 26.18 6.76 0.50
C LEU A 27 26.31 7.01 -1.01
N ARG A 28 26.69 5.98 -1.75
CA ARG A 28 26.52 5.98 -3.20
C ARG A 28 25.56 4.86 -3.57
N PHE A 29 24.92 4.99 -4.74
CA PHE A 29 24.10 3.90 -5.24
C PHE A 29 24.61 3.48 -6.60
N GLN A 30 24.40 2.21 -6.93
CA GLN A 30 24.50 1.78 -8.31
C GLN A 30 23.35 2.39 -9.08
N SER A 31 23.59 2.76 -10.34
CA SER A 31 22.51 3.39 -11.13
C SER A 31 21.32 2.42 -11.28
N SER A 32 21.60 1.13 -11.34
CA SER A 32 20.56 0.11 -11.35
C SER A 32 19.70 0.12 -10.08
N ALA A 33 20.31 0.41 -8.93
CA ALA A 33 19.58 0.44 -7.66
C ALA A 33 18.56 1.56 -7.66
N VAL A 34 18.93 2.71 -8.25
CA VAL A 34 18.03 3.85 -8.31
C VAL A 34 16.89 3.56 -9.28
N MET A 35 17.23 2.84 -10.35
CA MET A 35 16.29 2.49 -11.39
C MET A 35 15.24 1.60 -10.79
N ALA A 36 15.71 0.71 -9.91
CA ALA A 36 14.82 -0.26 -9.27
C ALA A 36 13.90 0.39 -8.25
N LEU A 37 14.43 1.22 -7.35
CA LEU A 37 13.60 2.03 -6.48
C LEU A 37 12.60 2.84 -7.29
N GLN A 38 13.05 3.41 -8.40
CA GLN A 38 12.15 4.13 -9.28
C GLN A 38 11.01 3.29 -9.84
N GLU A 39 11.34 2.13 -10.39
CA GLU A 39 10.35 1.25 -11.00
C GLU A 39 9.36 0.87 -9.92
N ALA A 40 9.92 0.55 -8.76
CA ALA A 40 9.14 0.16 -7.59
C ALA A 40 8.17 1.24 -7.14
N SER A 41 8.70 2.42 -6.82
CA SER A 41 7.87 3.58 -6.42
C SER A 41 6.73 3.84 -7.39
N GLU A 42 7.06 3.87 -8.68
CA GLU A 42 6.10 4.23 -9.72
C GLU A 42 4.98 3.22 -9.76
N ALA A 43 5.37 1.95 -9.72
CA ALA A 43 4.39 0.88 -9.64
C ALA A 43 3.50 0.95 -8.36
N TYR A 44 4.13 1.08 -7.19
CA TYR A 44 3.39 1.19 -5.94
C TYR A 44 2.32 2.25 -6.02
N LEU A 45 2.68 3.40 -6.60
CA LEU A 45 1.80 4.57 -6.67
C LEU A 45 0.69 4.48 -7.70
N VAL A 46 0.98 3.82 -8.82
CA VAL A 46 -0.04 3.70 -9.83
C VAL A 46 -1.04 2.72 -9.27
N GLY A 47 -0.50 1.76 -8.51
CA GLY A 47 -1.30 0.77 -7.80
C GLY A 47 -2.30 1.44 -6.89
N LEU A 48 -1.83 2.31 -5.98
CA LEU A 48 -2.75 3.01 -5.09
C LEU A 48 -3.76 3.80 -5.91
N PHE A 49 -3.29 4.51 -6.93
CA PHE A 49 -4.18 5.30 -7.77
C PHE A 49 -5.31 4.50 -8.40
N GLU A 50 -4.98 3.30 -8.88
CA GLU A 50 -5.96 2.34 -9.36
C GLU A 50 -7.01 2.04 -8.28
N ASP A 51 -6.55 1.61 -7.09
CA ASP A 51 -7.43 1.44 -5.94
C ASP A 51 -8.16 2.73 -5.61
N THR A 52 -7.49 3.86 -5.72
CA THR A 52 -8.11 5.15 -5.44
C THR A 52 -9.34 5.44 -6.31
N ASN A 53 -9.25 5.17 -7.61
CA ASN A 53 -10.37 5.42 -8.52
C ASN A 53 -11.52 4.48 -8.16
N LEU A 54 -11.15 3.27 -7.73
CA LEU A 54 -12.13 2.25 -7.39
C LEU A 54 -12.89 2.59 -6.12
N CYS A 55 -12.15 2.90 -5.07
CA CYS A 55 -12.71 3.46 -3.84
C CYS A 55 -13.59 4.70 -4.10
N ALA A 56 -13.19 5.52 -5.06
CA ALA A 56 -13.91 6.77 -5.30
C ALA A 56 -15.17 6.53 -6.10
N ILE A 57 -15.17 5.45 -6.88
CA ILE A 57 -16.32 5.10 -7.69
C ILE A 57 -17.41 4.46 -6.81
N HIS A 58 -17.01 3.89 -5.67
CA HIS A 58 -18.00 3.30 -4.78
C HIS A 58 -18.51 4.20 -3.67
N ALA A 59 -17.98 5.41 -3.58
CA ALA A 59 -18.64 6.46 -2.83
C ALA A 59 -19.44 7.30 -3.83
N LYS A 60 -19.43 6.87 -5.08
CA LYS A 60 -20.05 7.60 -6.18
C LYS A 60 -19.51 9.05 -6.35
N ARG A 61 -18.18 9.19 -6.45
CA ARG A 61 -17.53 10.48 -6.78
C ARG A 61 -16.67 10.35 -8.04
N VAL A 62 -16.52 11.42 -8.82
CA VAL A 62 -15.53 11.45 -9.92
C VAL A 62 -14.19 12.07 -9.50
N THR A 63 -14.17 12.70 -8.33
CA THR A 63 -12.98 13.38 -7.81
C THR A 63 -12.39 12.52 -6.71
N ILE A 64 -11.14 12.08 -6.86
CA ILE A 64 -10.49 11.35 -5.76
C ILE A 64 -10.03 12.30 -4.66
N MET A 65 -9.98 11.78 -3.44
CA MET A 65 -9.71 12.58 -2.26
C MET A 65 -8.71 11.87 -1.36
N PRO A 66 -8.04 12.60 -0.47
CA PRO A 66 -7.01 11.94 0.34
C PRO A 66 -7.52 10.74 1.15
N LYS A 67 -8.81 10.70 1.47
CA LYS A 67 -9.40 9.52 2.14
C LYS A 67 -9.20 8.26 1.29
N ASP A 68 -9.46 8.38 -0.01
CA ASP A 68 -9.34 7.27 -0.96
C ASP A 68 -7.93 6.70 -1.01
N ILE A 69 -6.96 7.59 -0.83
CA ILE A 69 -5.56 7.20 -0.80
C ILE A 69 -5.30 6.50 0.52
N GLN A 70 -5.77 7.13 1.60
CA GLN A 70 -5.65 6.58 2.94
C GLN A 70 -6.17 5.15 2.95
N LEU A 71 -7.42 4.98 2.52
CA LEU A 71 -8.07 3.67 2.37
C LEU A 71 -7.29 2.65 1.54
N ALA A 72 -6.74 3.09 0.41
CA ALA A 72 -6.04 2.20 -0.49
C ALA A 72 -4.80 1.61 0.15
N ARG A 73 -4.14 2.37 1.01
CA ARG A 73 -2.95 1.83 1.68
C ARG A 73 -3.34 0.81 2.75
N ARG A 74 -4.60 0.89 3.19
CA ARG A 74 -5.11 0.03 4.25
C ARG A 74 -5.49 -1.37 3.75
N ILE A 75 -6.12 -1.40 2.58
CA ILE A 75 -6.44 -2.62 1.86
C ILE A 75 -5.15 -3.45 1.60
N ARG A 76 -3.99 -2.78 1.57
CA ARG A 76 -2.69 -3.45 1.53
C ARG A 76 -1.98 -3.54 2.90
N GLY A 77 -2.53 -2.89 3.91
CA GLY A 77 -2.03 -3.05 5.27
C GLY A 77 -0.74 -2.35 5.62
N GLU A 78 -0.59 -1.13 5.12
CA GLU A 78 0.51 -0.30 5.56
C GLU A 78 0.14 0.23 6.94
N ARG A 79 0.95 -0.11 7.93
CA ARG A 79 0.70 0.32 9.30
C ARG A 79 1.58 1.51 9.66
N ARG B 17 18.30 46.68 -15.27
CA ARG B 17 19.58 46.44 -14.57
C ARG B 17 19.39 45.57 -13.31
N HIS B 18 20.50 45.24 -12.66
CA HIS B 18 20.53 44.25 -11.57
C HIS B 18 20.13 42.79 -11.91
N ARG B 19 21.01 42.08 -12.60
CA ARG B 19 20.90 40.65 -12.90
C ARG B 19 21.01 39.75 -11.61
N LYS B 20 20.47 38.53 -11.67
CA LYS B 20 20.52 37.59 -10.52
C LYS B 20 20.94 36.19 -10.98
N VAL B 21 21.75 35.54 -10.16
CA VAL B 21 22.27 34.23 -10.49
C VAL B 21 21.27 33.19 -10.04
N LEU B 22 21.06 32.19 -10.88
CA LEU B 22 20.14 31.12 -10.52
C LEU B 22 20.80 30.07 -9.64
N ARG B 23 20.21 29.86 -8.47
CA ARG B 23 20.51 28.73 -7.61
C ARG B 23 19.80 27.47 -8.18
N ASP B 24 20.25 26.28 -7.81
CA ASP B 24 19.65 25.03 -8.31
C ASP B 24 18.54 24.63 -7.36
N ASN B 25 17.31 24.65 -7.86
CA ASN B 25 16.11 24.39 -7.05
C ASN B 25 15.38 23.06 -7.08
N ILE B 26 15.94 21.99 -7.66
CA ILE B 26 15.26 20.70 -7.57
C ILE B 26 15.11 20.20 -6.12
N GLN B 27 13.86 20.09 -5.65
CA GLN B 27 13.58 19.47 -4.35
C GLN B 27 12.30 18.64 -4.38
N GLY B 28 12.44 17.32 -4.22
CA GLY B 28 11.26 16.48 -4.23
C GLY B 28 10.57 16.51 -5.58
N ILE B 29 9.24 16.40 -5.60
CA ILE B 29 8.46 16.07 -6.81
C ILE B 29 7.35 17.07 -7.10
N THR B 30 7.23 17.54 -8.35
CA THR B 30 6.17 18.51 -8.67
C THR B 30 4.88 17.88 -9.21
N LYS B 31 3.86 18.73 -9.35
CA LYS B 31 2.51 18.28 -9.67
C LYS B 31 2.39 17.40 -10.94
N PRO B 32 2.95 17.84 -12.10
CA PRO B 32 2.85 17.03 -13.33
C PRO B 32 3.12 15.52 -13.14
N ALA B 33 4.14 15.16 -12.36
CA ALA B 33 4.38 13.76 -12.04
C ALA B 33 3.15 13.12 -11.36
N ILE B 34 2.55 13.84 -10.42
CA ILE B 34 1.47 13.27 -9.63
C ILE B 34 0.28 12.99 -10.53
N ARG B 35 -0.05 13.98 -11.37
CA ARG B 35 -1.05 13.79 -12.41
C ARG B 35 -0.70 12.66 -13.40
N ARG B 36 0.55 12.54 -13.79
CA ARG B 36 0.93 11.48 -14.72
C ARG B 36 0.68 10.09 -14.17
N LEU B 37 0.94 9.93 -12.86
CA LEU B 37 0.74 8.67 -12.17
C LEU B 37 -0.74 8.44 -11.95
N ALA B 38 -1.42 9.49 -11.47
CA ALA B 38 -2.86 9.43 -11.27
C ALA B 38 -3.55 9.05 -12.59
N ARG B 39 -3.15 9.71 -13.68
CA ARG B 39 -3.67 9.36 -15.00
C ARG B 39 -3.37 7.92 -15.38
N ARG B 40 -2.20 7.41 -14.98
CA ARG B 40 -1.87 6.02 -15.30
C ARG B 40 -2.81 5.09 -14.57
N GLY B 41 -3.32 5.54 -13.43
CA GLY B 41 -4.20 4.70 -12.64
C GLY B 41 -5.65 4.94 -13.00
N GLY B 42 -5.89 5.56 -14.15
CA GLY B 42 -7.23 5.83 -14.63
C GLY B 42 -7.99 6.98 -13.98
N VAL B 43 -7.36 7.64 -13.00
CA VAL B 43 -8.04 8.70 -12.26
C VAL B 43 -8.35 9.88 -13.19
N LYS B 44 -9.62 10.25 -13.32
CA LYS B 44 -9.96 11.30 -14.27
C LYS B 44 -10.08 12.71 -13.66
N ARG B 45 -10.17 12.76 -12.35
CA ARG B 45 -10.26 14.01 -11.64
C ARG B 45 -9.65 13.83 -10.26
N ILE B 46 -8.98 14.87 -9.76
CA ILE B 46 -8.39 14.80 -8.43
C ILE B 46 -8.70 16.06 -7.64
N SER B 47 -8.73 15.91 -6.31
CA SER B 47 -8.75 17.05 -5.43
C SER B 47 -7.37 17.67 -5.42
N GLY B 48 -7.32 18.98 -5.25
CA GLY B 48 -6.04 19.67 -5.13
C GLY B 48 -5.26 19.11 -3.97
N LEU B 49 -5.98 18.62 -2.96
CA LEU B 49 -5.38 18.02 -1.80
C LEU B 49 -4.60 16.76 -2.11
N ILE B 50 -4.76 16.22 -3.31
CA ILE B 50 -4.14 14.94 -3.65
C ILE B 50 -2.63 15.08 -3.69
N TYR B 51 -2.16 16.19 -4.26
CA TYR B 51 -0.73 16.48 -4.40
C TYR B 51 0.07 16.30 -3.11
N GLU B 52 -0.19 17.07 -2.06
CA GLU B 52 0.51 16.81 -0.78
C GLU B 52 0.43 15.36 -0.30
N GLU B 53 -0.78 14.81 -0.25
CA GLU B 53 -1.01 13.42 0.17
C GLU B 53 -0.09 12.44 -0.54
N THR B 54 0.06 12.63 -1.85
CA THR B 54 0.86 11.71 -2.65
C THR B 54 2.36 11.79 -2.35
N ARG B 55 2.90 12.99 -2.13
CA ARG B 55 4.32 13.13 -1.78
C ARG B 55 4.59 12.40 -0.48
N GLY B 56 3.63 12.50 0.44
CA GLY B 56 3.76 11.88 1.76
C GLY B 56 3.89 10.37 1.65
N VAL B 57 3.01 9.76 0.85
CA VAL B 57 3.04 8.32 0.62
C VAL B 57 4.36 7.87 -0.05
N LEU B 58 4.81 8.62 -1.04
CA LEU B 58 6.08 8.30 -1.68
C LEU B 58 7.26 8.37 -0.70
N LYS B 59 7.37 9.47 0.04
CA LYS B 59 8.42 9.61 1.06
C LYS B 59 8.40 8.39 2.00
N VAL B 60 7.22 8.05 2.49
CA VAL B 60 7.08 6.98 3.46
C VAL B 60 7.39 5.64 2.84
N PHE B 61 7.02 5.47 1.57
CA PHE B 61 7.33 4.22 0.92
C PHE B 61 8.84 4.12 0.76
N LEU B 62 9.44 5.16 0.20
CA LEU B 62 10.87 5.20 -0.04
C LEU B 62 11.69 5.05 1.23
N GLU B 63 11.25 5.72 2.31
CA GLU B 63 11.93 5.67 3.61
C GLU B 63 12.08 4.24 4.06
N ASN B 64 10.97 3.53 4.12
CA ASN B 64 10.96 2.13 4.52
C ASN B 64 11.78 1.22 3.63
N VAL B 65 11.79 1.48 2.32
CA VAL B 65 12.55 0.60 1.44
C VAL B 65 14.02 0.94 1.49
N ILE B 66 14.31 2.23 1.53
CA ILE B 66 15.69 2.70 1.65
C ILE B 66 16.35 2.29 3.01
N ARG B 67 15.65 2.42 4.13
CA ARG B 67 16.19 2.01 5.45
C ARG B 67 16.54 0.54 5.50
N ASP B 68 15.68 -0.29 4.93
CA ASP B 68 15.91 -1.72 4.87
C ASP B 68 17.12 -2.01 3.99
N ALA B 69 17.22 -1.33 2.84
CA ALA B 69 18.35 -1.53 1.92
C ALA B 69 19.70 -1.01 2.45
N VAL B 70 19.66 0.14 3.13
CA VAL B 70 20.83 0.66 3.85
C VAL B 70 21.34 -0.38 4.87
N THR B 71 20.44 -0.98 5.64
CA THR B 71 20.81 -2.02 6.61
C THR B 71 21.45 -3.24 5.92
N TYR B 72 20.99 -3.58 4.73
CA TYR B 72 21.61 -4.66 3.95
C TYR B 72 23.01 -4.24 3.50
N THR B 73 23.16 -2.95 3.24
CA THR B 73 24.43 -2.40 2.80
C THR B 73 25.41 -2.31 3.97
N GLU B 74 24.91 -1.91 5.15
CA GLU B 74 25.74 -1.84 6.35
C GLU B 74 26.32 -3.21 6.70
N HIS B 75 25.54 -4.27 6.49
CA HIS B 75 26.03 -5.62 6.80
C HIS B 75 27.02 -6.18 5.78
N ALA B 76 26.96 -5.67 4.55
CA ALA B 76 27.83 -6.16 3.47
C ALA B 76 29.20 -5.52 3.62
N LYS B 77 29.29 -4.61 4.59
CA LYS B 77 30.50 -3.85 4.84
C LYS B 77 30.95 -3.08 3.59
N ARG B 78 30.06 -2.25 3.07
CA ARG B 78 30.38 -1.31 1.99
C ARG B 78 29.52 -0.05 2.06
N LYS B 79 29.96 1.02 1.39
CA LYS B 79 29.19 2.25 1.41
C LYS B 79 28.29 2.45 0.17
N THR B 80 28.28 1.48 -0.75
CA THR B 80 27.45 1.57 -1.96
C THR B 80 26.20 0.70 -1.90
N VAL B 81 25.02 1.30 -2.09
CA VAL B 81 23.80 0.52 -2.14
C VAL B 81 23.65 -0.14 -3.51
N THR B 82 23.68 -1.47 -3.53
CA THR B 82 23.66 -2.19 -4.81
C THR B 82 22.23 -2.43 -5.22
N ALA B 83 22.06 -3.13 -6.33
CA ALA B 83 20.72 -3.39 -6.83
C ALA B 83 20.07 -4.56 -6.06
N MET B 84 20.87 -5.58 -5.72
CA MET B 84 20.36 -6.69 -4.92
C MET B 84 19.97 -6.20 -3.53
N ASP B 85 20.69 -5.24 -2.97
CA ASP B 85 20.27 -4.68 -1.69
C ASP B 85 18.85 -4.10 -1.78
N VAL B 86 18.49 -3.57 -2.94
CA VAL B 86 17.14 -3.01 -3.11
C VAL B 86 16.09 -4.10 -3.30
N VAL B 87 16.41 -5.02 -4.20
CA VAL B 87 15.55 -6.17 -4.49
C VAL B 87 15.13 -6.87 -3.19
N TYR B 88 16.11 -7.13 -2.33
CA TYR B 88 15.88 -7.79 -1.05
C TYR B 88 14.94 -6.97 -0.15
N ALA B 89 15.13 -5.65 -0.12
CA ALA B 89 14.31 -4.80 0.73
C ALA B 89 12.88 -4.82 0.24
N LEU B 90 12.74 -4.89 -1.08
CA LEU B 90 11.43 -4.88 -1.74
C LEU B 90 10.61 -6.13 -1.46
N LYS B 91 11.29 -7.24 -1.19
CA LYS B 91 10.60 -8.49 -0.82
C LYS B 91 9.96 -8.38 0.57
N ARG B 92 10.53 -7.53 1.42
CA ARG B 92 9.96 -7.25 2.74
C ARG B 92 8.67 -6.40 2.67
N GLN B 93 8.31 -5.92 1.48
CA GLN B 93 7.15 -5.03 1.32
C GLN B 93 5.74 -5.66 1.18
N GLY B 94 5.68 -6.81 0.53
CA GLY B 94 4.40 -7.45 0.28
C GLY B 94 3.77 -7.11 -1.06
N ARG B 95 3.12 -8.12 -1.63
CA ARG B 95 2.70 -8.16 -3.02
C ARG B 95 1.18 -8.23 -3.10
N THR B 96 0.58 -7.21 -3.72
CA THR B 96 -0.87 -7.10 -3.84
C THR B 96 -1.34 -7.67 -5.18
N LEU B 97 -2.38 -8.50 -5.18
CA LEU B 97 -2.93 -8.98 -6.45
C LEU B 97 -4.43 -8.66 -6.51
N TYR B 98 -5.01 -8.73 -7.70
CA TYR B 98 -6.42 -8.37 -7.88
C TYR B 98 -7.37 -9.56 -7.88
N GLY B 99 -6.84 -10.75 -7.62
CA GLY B 99 -7.64 -11.95 -7.56
C GLY B 99 -7.05 -12.94 -6.58
N PHE B 100 -7.62 -14.13 -6.50
CA PHE B 100 -6.98 -15.18 -5.72
C PHE B 100 -6.22 -16.06 -6.70
N GLY B 101 -5.05 -16.55 -6.31
CA GLY B 101 -4.42 -17.62 -7.06
C GLY B 101 -5.32 -18.80 -6.74
N GLY B 102 -5.45 -19.77 -7.65
CA GLY B 102 -6.39 -20.86 -7.44
C GLY B 102 -7.84 -20.42 -7.43
N ASP C 8 -15.37 18.97 -6.19
CA ASP C 8 -14.59 20.20 -6.27
C ASP C 8 -13.08 19.92 -6.38
N GLY C 9 -12.53 20.03 -7.60
CA GLY C 9 -11.16 19.59 -7.89
C GLY C 9 -10.63 19.86 -9.30
N GLU C 10 -9.59 19.10 -9.70
CA GLU C 10 -8.91 19.26 -10.99
C GLU C 10 -9.17 18.14 -12.00
N GLU C 11 -9.47 18.51 -13.25
CA GLU C 11 -9.62 17.54 -14.35
C GLU C 11 -8.26 17.10 -14.86
N LEU C 12 -7.98 15.80 -14.81
CA LEU C 12 -6.69 15.32 -15.33
C LEU C 12 -6.73 15.31 -16.84
N ILE C 13 -7.94 15.16 -17.39
CA ILE C 13 -8.14 15.46 -18.80
C ILE C 13 -9.13 16.62 -18.96
N GLY C 14 -8.62 17.80 -19.29
CA GLY C 14 -7.23 17.93 -19.70
C GLY C 14 -6.83 18.34 -21.11
N ASP C 15 -7.69 19.05 -21.84
CA ASP C 15 -7.15 19.80 -22.96
C ASP C 15 -6.07 20.75 -22.39
N GLY C 16 -4.84 20.63 -22.89
CA GLY C 16 -3.70 21.27 -22.25
C GLY C 16 -2.93 20.36 -21.31
N MET C 17 -3.26 19.07 -21.30
CA MET C 17 -2.57 18.11 -20.46
C MET C 17 -1.22 17.76 -21.07
N GLU C 18 -1.06 18.09 -22.34
CA GLU C 18 0.16 17.78 -23.08
C GLU C 18 1.38 18.42 -22.41
N ARG C 19 1.14 19.54 -21.73
CA ARG C 19 2.19 20.23 -20.96
C ARG C 19 2.92 19.28 -20.02
N ASP C 20 2.23 18.23 -19.58
CA ASP C 20 2.77 17.31 -18.58
C ASP C 20 3.73 16.26 -19.12
N TYR C 21 3.59 15.95 -20.41
CA TYR C 21 4.39 14.89 -21.04
C TYR C 21 5.64 15.34 -21.82
N ARG C 22 5.95 16.62 -21.67
CA ARG C 22 7.15 17.30 -22.21
C ARG C 22 8.46 16.60 -21.89
N ALA C 23 9.33 16.45 -22.89
CA ALA C 23 10.66 15.91 -22.61
C ALA C 23 11.60 17.03 -22.21
N ILE C 24 12.33 16.84 -21.11
CA ILE C 24 13.30 17.82 -20.61
C ILE C 24 14.57 17.10 -20.18
N PRO C 25 15.47 16.83 -21.13
CA PRO C 25 16.65 15.97 -20.86
C PRO C 25 17.45 16.29 -19.58
N GLU C 26 17.53 17.56 -19.21
CA GLU C 26 18.27 17.95 -18.02
C GLU C 26 17.68 17.31 -16.77
N LEU C 27 16.35 17.22 -16.74
CA LEU C 27 15.61 16.62 -15.63
C LEU C 27 15.33 15.13 -15.85
N ASP C 28 15.54 14.65 -17.06
CA ASP C 28 15.12 13.30 -17.49
C ASP C 28 16.17 12.20 -17.48
N ALA C 29 17.35 12.48 -16.91
CA ALA C 29 18.44 11.50 -16.86
C ALA C 29 19.11 11.51 -15.49
N TYR C 30 19.83 10.44 -15.15
CA TYR C 30 20.52 10.49 -13.87
C TYR C 30 21.83 11.27 -13.99
N GLU C 31 22.23 11.88 -12.87
CA GLU C 31 23.52 12.54 -12.80
C GLU C 31 24.46 11.60 -12.11
N ALA C 32 25.73 11.64 -12.47
CA ALA C 32 26.72 10.72 -11.94
C ALA C 32 27.07 10.99 -10.46
N GLU C 33 26.73 12.18 -9.97
CA GLU C 33 26.99 12.53 -8.57
C GLU C 33 26.19 11.63 -7.60
N GLY C 34 26.88 10.95 -6.70
CA GLY C 34 26.21 10.10 -5.74
C GLY C 34 26.03 8.68 -6.24
N LEU C 35 26.46 8.42 -7.47
CA LEU C 35 26.33 7.09 -8.05
C LEU C 35 27.66 6.36 -7.97
N ALA C 36 27.69 5.11 -8.44
CA ALA C 36 28.92 4.33 -8.41
C ALA C 36 29.46 4.04 -9.81
N LEU C 37 30.57 4.69 -10.18
CA LEU C 37 31.20 4.53 -11.50
C LEU C 37 32.76 4.74 -11.49
N ASP C 38 33.49 3.95 -12.26
CA ASP C 38 32.97 2.71 -12.83
C ASP C 38 33.38 1.47 -12.04
N ASP C 39 34.30 1.63 -11.08
CA ASP C 39 34.73 0.50 -10.25
C ASP C 39 34.82 0.84 -8.76
N GLU C 40 33.96 0.21 -7.95
CA GLU C 40 33.96 0.31 -6.49
C GLU C 40 33.25 -0.91 -5.88
N ASP C 41 33.04 -0.96 -4.56
CA ASP C 41 32.62 -2.24 -3.96
C ASP C 41 31.14 -2.50 -4.19
N VAL C 42 30.90 -3.50 -5.03
CA VAL C 42 29.57 -4.00 -5.36
C VAL C 42 29.26 -5.36 -4.68
N GLU C 43 30.25 -5.89 -3.94
CA GLU C 43 30.26 -7.30 -3.51
C GLU C 43 28.95 -7.77 -2.88
N GLU C 44 28.45 -8.95 -3.27
CA GLU C 44 27.11 -9.37 -2.88
C GLU C 44 27.04 -9.71 -1.40
N LEU C 45 25.85 -10.05 -0.93
CA LEU C 45 25.57 -10.04 0.50
C LEU C 45 25.89 -11.37 1.20
N THR C 46 26.46 -12.31 0.46
CA THR C 46 26.72 -13.68 0.95
C THR C 46 25.48 -14.39 1.50
N ALA C 47 25.66 -15.11 2.59
CA ALA C 47 24.60 -15.86 3.24
C ALA C 47 24.56 -15.39 4.69
N SER C 48 25.70 -15.56 5.35
CA SER C 48 25.91 -15.11 6.73
C SER C 48 25.44 -13.69 6.97
N GLN C 49 25.86 -12.77 6.12
CA GLN C 49 25.53 -11.36 6.30
C GLN C 49 24.05 -11.08 6.02
N ARG C 50 23.48 -11.85 5.10
CA ARG C 50 22.09 -11.70 4.70
C ARG C 50 21.16 -12.02 5.84
N GLU C 51 21.35 -13.21 6.44
CA GLU C 51 20.52 -13.63 7.55
C GLU C 51 20.79 -12.77 8.78
N ALA C 52 22.02 -12.28 8.90
CA ALA C 52 22.41 -11.41 10.02
C ALA C 52 21.72 -10.05 9.93
N ALA C 53 21.47 -9.60 8.71
CA ALA C 53 20.76 -8.37 8.45
C ALA C 53 19.26 -8.52 8.60
N GLU C 54 18.70 -9.59 8.00
CA GLU C 54 17.28 -9.91 8.12
C GLU C 54 16.94 -10.11 9.58
N ARG C 55 17.93 -10.53 10.35
CA ARG C 55 17.79 -10.76 11.78
C ARG C 55 17.56 -9.41 12.46
N ALA C 56 18.48 -8.48 12.24
CA ALA C 56 18.44 -7.19 12.91
C ALA C 56 17.16 -6.40 12.59
N MET C 57 16.61 -6.61 11.40
CA MET C 57 15.39 -5.93 10.95
C MET C 57 14.09 -6.48 11.55
N ARG C 58 13.97 -7.80 11.55
CA ARG C 58 12.82 -8.47 12.16
C ARG C 58 12.71 -8.05 13.63
N GLN C 59 13.85 -7.72 14.23
CA GLN C 59 13.91 -7.22 15.60
C GLN C 59 13.58 -5.73 15.72
N ARG C 60 13.99 -4.97 14.72
CA ARG C 60 13.73 -3.52 14.69
C ARG C 60 12.23 -3.23 14.55
N ASP C 61 11.54 -4.04 13.74
CA ASP C 61 10.11 -3.87 13.52
C ASP C 61 9.30 -4.51 14.66
N ARG C 62 10.00 -5.30 15.48
CA ARG C 62 9.45 -5.82 16.73
C ARG C 62 9.35 -4.69 17.75
N GLU C 63 10.47 -4.00 17.94
CA GLU C 63 10.54 -2.87 18.87
C GLU C 63 9.82 -1.63 18.30
N ALA C 64 9.39 -1.73 17.03
CA ALA C 64 8.59 -0.66 16.41
C ALA C 64 7.21 -1.18 15.98
N MET D 1 9.40 -21.17 0.68
CA MET D 1 8.11 -20.83 0.04
C MET D 1 6.86 -21.36 0.76
N ALA D 2 5.80 -20.55 0.75
CA ALA D 2 4.63 -20.65 1.63
C ALA D 2 3.83 -21.96 1.65
N LYS D 3 3.35 -22.31 2.85
CA LYS D 3 2.65 -23.56 3.12
C LYS D 3 1.13 -23.45 2.99
N VAL D 4 0.64 -22.22 2.86
CA VAL D 4 -0.78 -21.95 2.77
C VAL D 4 -1.04 -20.92 1.68
N SER D 5 -1.99 -21.21 0.79
CA SER D 5 -2.44 -20.25 -0.20
C SER D 5 -3.98 -20.20 -0.18
N VAL D 6 -4.54 -19.00 -0.04
CA VAL D 6 -5.98 -18.83 -0.12
C VAL D 6 -6.49 -19.09 -1.54
N LEU D 7 -7.42 -20.03 -1.69
CA LEU D 7 -8.05 -20.27 -2.99
C LEU D 7 -9.20 -19.31 -3.22
N ASN D 8 -10.01 -19.12 -2.18
CA ASN D 8 -11.12 -18.18 -2.29
C ASN D 8 -11.62 -17.58 -0.99
N VAL D 9 -12.33 -16.46 -1.12
CA VAL D 9 -13.20 -15.94 -0.08
C VAL D 9 -14.54 -15.67 -0.71
N ALA D 10 -15.58 -16.24 -0.12
CA ALA D 10 -16.94 -15.98 -0.55
C ALA D 10 -17.54 -14.99 0.43
N VAL D 11 -17.97 -13.83 -0.07
CA VAL D 11 -18.69 -12.90 0.78
C VAL D 11 -20.15 -13.32 0.75
N LEU D 12 -20.70 -13.68 1.92
CA LEU D 12 -22.05 -14.25 2.05
C LEU D 12 -22.99 -13.27 2.70
N GLU D 13 -24.28 -13.38 2.34
CA GLU D 13 -25.31 -12.48 2.86
C GLU D 13 -24.91 -11.04 2.58
N ASN D 14 -24.74 -10.71 1.30
CA ASN D 14 -24.32 -9.36 0.91
C ASN D 14 -25.10 -8.88 -0.32
N PRO D 15 -25.55 -7.61 -0.30
CA PRO D 15 -25.49 -6.65 0.81
C PRO D 15 -26.34 -7.04 2.02
N SER D 16 -26.43 -6.16 3.01
CA SER D 16 -27.08 -6.51 4.28
C SER D 16 -27.18 -5.31 5.22
N PRO D 17 -28.04 -5.40 6.26
CA PRO D 17 -28.13 -4.32 7.24
C PRO D 17 -26.79 -4.11 7.92
N PHE D 18 -26.48 -2.87 8.28
CA PHE D 18 -25.23 -2.56 8.93
C PHE D 18 -24.94 -3.48 10.11
N HIS D 19 -25.99 -3.85 10.83
CA HIS D 19 -25.84 -4.59 12.08
C HIS D 19 -25.76 -6.12 11.90
N SER D 20 -26.13 -6.61 10.73
CA SER D 20 -26.05 -8.04 10.46
C SER D 20 -24.60 -8.46 10.56
N PRO D 21 -24.35 -9.74 10.84
CA PRO D 21 -22.96 -10.20 10.95
C PRO D 21 -22.30 -10.25 9.57
N PHE D 22 -20.98 -10.09 9.54
CA PHE D 22 -20.19 -10.41 8.35
C PHE D 22 -20.13 -11.94 8.23
N ARG D 23 -20.28 -12.46 7.01
CA ARG D 23 -20.24 -13.91 6.77
C ARG D 23 -19.27 -14.22 5.65
N PHE D 24 -18.18 -14.93 5.93
CA PHE D 24 -17.22 -15.26 4.88
C PHE D 24 -16.99 -16.75 4.76
N GLU D 25 -16.97 -17.24 3.53
CA GLU D 25 -16.58 -18.63 3.28
C GLU D 25 -15.16 -18.70 2.74
N ILE D 26 -14.25 -19.15 3.58
CA ILE D 26 -12.84 -19.14 3.24
C ILE D 26 -12.35 -20.51 2.78
N SER D 27 -11.77 -20.56 1.59
CA SER D 27 -11.14 -21.80 1.09
C SER D 27 -9.65 -21.61 0.82
N PHE D 28 -8.84 -22.55 1.29
CA PHE D 28 -7.41 -22.43 1.13
C PHE D 28 -6.73 -23.78 0.85
N GLU D 29 -5.52 -23.72 0.33
CA GLU D 29 -4.73 -24.92 0.09
C GLU D 29 -3.59 -24.98 1.12
N CYS D 30 -3.28 -26.17 1.63
CA CYS D 30 -2.12 -26.35 2.48
C CYS D 30 -1.19 -27.35 1.80
N SER D 31 0.00 -26.89 1.43
CA SER D 31 0.98 -27.71 0.71
C SER D 31 1.84 -28.60 1.59
N GLU D 32 2.06 -28.13 2.82
CA GLU D 32 2.81 -28.87 3.83
C GLU D 32 2.07 -28.74 5.17
N ALA D 33 1.78 -29.88 5.81
CA ALA D 33 0.99 -29.87 7.04
C ALA D 33 1.53 -28.92 8.12
N LEU D 34 0.65 -28.14 8.72
CA LEU D 34 1.04 -27.24 9.80
C LEU D 34 0.75 -27.83 11.18
N ALA D 35 1.81 -27.99 11.98
CA ALA D 35 1.59 -28.55 13.31
C ALA D 35 0.86 -27.58 14.25
N ASP D 36 1.08 -26.28 14.09
CA ASP D 36 0.43 -25.27 14.94
C ASP D 36 -0.73 -24.51 14.26
N ASP D 37 -1.35 -23.59 15.00
CA ASP D 37 -2.60 -22.94 14.54
C ASP D 37 -2.41 -21.83 13.50
N LEU D 38 -3.41 -21.67 12.62
CA LEU D 38 -3.52 -20.45 11.83
C LEU D 38 -4.54 -19.57 12.52
N GLU D 39 -4.24 -18.28 12.68
CA GLU D 39 -5.19 -17.32 13.25
C GLU D 39 -5.72 -16.38 12.19
N TRP D 40 -7.01 -16.51 11.89
CA TRP D 40 -7.70 -15.67 10.93
C TRP D 40 -8.44 -14.54 11.63
N LYS D 41 -8.34 -13.34 11.10
CA LYS D 41 -9.14 -12.26 11.69
C LYS D 41 -9.73 -11.26 10.74
N ILE D 42 -10.91 -10.80 11.11
CA ILE D 42 -11.69 -9.87 10.32
C ILE D 42 -11.54 -8.49 10.96
N ILE D 43 -11.10 -7.51 10.18
CA ILE D 43 -10.86 -6.16 10.67
C ILE D 43 -11.65 -5.13 9.87
N TYR D 44 -12.47 -4.36 10.58
CA TYR D 44 -13.23 -3.25 9.99
C TYR D 44 -12.38 -2.04 10.24
N VAL D 45 -12.06 -1.31 9.18
CA VAL D 45 -11.37 -0.05 9.33
C VAL D 45 -12.45 0.96 9.68
N GLY D 46 -12.36 1.53 10.88
CA GLY D 46 -13.39 2.45 11.32
C GLY D 46 -13.27 3.80 10.64
N SER D 47 -12.03 4.29 10.60
CA SER D 47 -11.70 5.59 10.00
C SER D 47 -10.44 5.52 9.14
N ALA D 48 -10.56 5.89 7.87
CA ALA D 48 -9.42 6.00 6.95
C ALA D 48 -8.27 6.78 7.56
N GLU D 49 -8.62 7.88 8.22
CA GLU D 49 -7.68 8.75 8.91
C GLU D 49 -6.69 7.95 9.74
N SER D 50 -7.17 7.26 10.76
CA SER D 50 -6.29 6.53 11.66
C SER D 50 -6.49 5.00 11.73
N GLU D 51 -5.39 4.31 12.01
CA GLU D 51 -5.37 2.88 12.32
C GLU D 51 -5.98 2.66 13.71
N GLU D 52 -6.26 3.74 14.44
CA GLU D 52 -6.73 3.63 15.83
C GLU D 52 -8.22 3.32 15.95
N PHE D 53 -8.98 3.56 14.89
CA PHE D 53 -10.41 3.30 14.89
C PHE D 53 -10.77 1.94 14.31
N ASP D 54 -9.75 1.12 14.01
CA ASP D 54 -9.97 -0.23 13.51
C ASP D 54 -10.56 -1.11 14.60
N GLN D 55 -11.59 -1.88 14.26
CA GLN D 55 -12.20 -2.85 15.19
C GLN D 55 -11.94 -4.31 14.80
N ILE D 56 -11.49 -5.15 15.73
CA ILE D 56 -11.35 -6.56 15.36
C ILE D 56 -12.66 -7.25 15.70
N LEU D 57 -13.43 -7.58 14.69
CA LEU D 57 -14.80 -8.05 14.93
C LEU D 57 -14.79 -9.41 15.65
N ASP D 58 -14.00 -10.34 15.11
CA ASP D 58 -13.74 -11.61 15.77
C ASP D 58 -12.37 -12.14 15.34
N SER D 59 -11.96 -13.26 15.91
CA SER D 59 -10.74 -13.93 15.52
C SER D 59 -10.98 -15.43 15.69
N VAL D 60 -10.63 -16.28 14.72
CA VAL D 60 -10.78 -17.73 14.94
C VAL D 60 -9.48 -18.45 14.74
N LEU D 61 -9.35 -19.63 15.36
CA LEU D 61 -8.17 -20.47 15.14
C LEU D 61 -8.51 -21.70 14.34
N VAL D 62 -7.55 -22.16 13.56
CA VAL D 62 -7.73 -23.35 12.75
C VAL D 62 -6.47 -24.17 12.89
N GLY D 63 -6.59 -25.43 13.28
CA GLY D 63 -5.42 -26.29 13.25
C GLY D 63 -5.40 -27.43 14.25
N PRO D 64 -4.44 -28.38 14.11
CA PRO D 64 -3.43 -28.48 13.05
C PRO D 64 -4.06 -28.49 11.67
N VAL D 65 -3.32 -27.99 10.69
CA VAL D 65 -3.78 -28.00 9.30
C VAL D 65 -3.16 -29.17 8.51
N PRO D 66 -3.96 -30.19 8.17
CA PRO D 66 -3.35 -31.20 7.30
C PRO D 66 -3.15 -30.62 5.91
N ALA D 67 -2.53 -31.41 5.04
CA ALA D 67 -2.33 -30.94 3.68
C ALA D 67 -3.65 -31.12 2.93
N GLY D 68 -3.96 -30.22 2.00
CA GLY D 68 -5.07 -30.46 1.10
C GLY D 68 -5.78 -29.16 0.86
N ARG D 69 -7.00 -29.22 0.36
CA ARG D 69 -7.79 -28.01 0.24
C ARG D 69 -8.94 -28.03 1.26
N HIS D 70 -9.16 -26.91 1.95
CA HIS D 70 -10.06 -26.88 3.11
C HIS D 70 -11.00 -25.69 3.05
N MET D 71 -12.13 -25.80 3.74
CA MET D 71 -12.97 -24.62 3.99
C MET D 71 -13.47 -24.55 5.43
N PHE D 72 -13.66 -23.32 5.90
CA PHE D 72 -14.40 -23.08 7.12
C PHE D 72 -15.22 -21.83 6.92
N VAL D 73 -16.23 -21.63 7.75
CA VAL D 73 -16.98 -20.41 7.62
C VAL D 73 -16.63 -19.51 8.76
N PHE D 74 -16.28 -18.29 8.40
CA PHE D 74 -15.92 -17.30 9.40
C PHE D 74 -17.04 -16.25 9.48
N GLN D 75 -17.73 -16.22 10.61
CA GLN D 75 -18.78 -15.23 10.83
C GLN D 75 -18.30 -14.26 11.87
N ALA D 76 -18.72 -13.00 11.79
CA ALA D 76 -18.42 -12.05 12.87
C ALA D 76 -19.47 -10.97 13.06
N ASP D 77 -19.63 -10.56 14.31
CA ASP D 77 -20.61 -9.55 14.65
C ASP D 77 -20.21 -8.24 14.03
N ALA D 78 -21.19 -7.54 13.47
CA ALA D 78 -20.98 -6.25 12.83
C ALA D 78 -20.30 -5.29 13.81
N PRO D 79 -19.58 -4.29 13.28
CA PRO D 79 -18.85 -3.35 14.16
C PRO D 79 -19.75 -2.54 15.10
N ASN D 80 -19.14 -2.02 16.17
CA ASN D 80 -19.84 -1.24 17.17
C ASN D 80 -19.86 0.25 16.81
N PRO D 81 -21.06 0.77 16.45
CA PRO D 81 -21.16 2.10 15.84
C PRO D 81 -20.73 3.24 16.76
N SER D 82 -20.60 2.97 18.06
CA SER D 82 -20.17 3.97 19.04
C SER D 82 -18.71 4.37 18.86
N LEU D 83 -17.95 3.50 18.19
CA LEU D 83 -16.52 3.72 17.96
C LEU D 83 -16.15 4.30 16.60
N ILE D 84 -17.14 4.51 15.74
CA ILE D 84 -16.93 5.02 14.39
C ILE D 84 -17.21 6.52 14.32
N PRO D 85 -16.24 7.31 13.84
CA PRO D 85 -16.42 8.75 13.61
C PRO D 85 -17.60 9.02 12.69
N GLU D 86 -18.36 10.08 12.95
CA GLU D 86 -19.60 10.31 12.22
C GLU D 86 -19.32 10.63 10.75
N THR D 87 -18.24 11.37 10.53
CA THR D 87 -17.76 11.73 9.19
C THR D 87 -17.56 10.50 8.30
N ASP D 88 -17.05 9.42 8.91
CA ASP D 88 -16.72 8.17 8.22
C ASP D 88 -17.78 7.08 8.25
N ALA D 89 -18.82 7.32 9.05
CA ALA D 89 -19.85 6.33 9.28
C ALA D 89 -20.52 6.03 7.96
N VAL D 90 -20.79 7.09 7.22
CA VAL D 90 -21.47 6.94 5.95
C VAL D 90 -20.52 7.13 4.79
N GLY D 91 -20.67 6.28 3.78
CA GLY D 91 -19.74 6.25 2.68
C GLY D 91 -18.69 5.16 2.87
N VAL D 92 -17.60 5.27 2.12
CA VAL D 92 -16.69 4.16 1.94
C VAL D 92 -15.70 3.93 3.09
N THR D 93 -15.39 2.65 3.29
CA THR D 93 -14.32 2.21 4.16
C THR D 93 -13.85 0.81 3.72
N VAL D 94 -13.03 0.16 4.54
CA VAL D 94 -12.47 -1.14 4.18
C VAL D 94 -12.72 -2.18 5.28
N VAL D 95 -13.06 -3.39 4.88
CA VAL D 95 -13.00 -4.50 5.81
C VAL D 95 -11.84 -5.39 5.34
N LEU D 96 -11.16 -6.04 6.28
CA LEU D 96 -10.00 -6.91 5.98
C LEU D 96 -10.12 -8.28 6.64
N ILE D 97 -9.79 -9.32 5.88
CA ILE D 97 -9.58 -10.65 6.43
C ILE D 97 -8.06 -10.88 6.43
N THR D 98 -7.50 -11.39 7.53
CA THR D 98 -6.03 -11.60 7.64
C THR D 98 -5.64 -12.92 8.29
N CYS D 99 -4.54 -13.49 7.86
CA CYS D 99 -4.11 -14.75 8.47
C CYS D 99 -2.67 -14.74 8.94
N THR D 100 -2.45 -15.44 10.04
CA THR D 100 -1.22 -15.35 10.81
C THR D 100 -0.71 -16.75 11.16
N TYR D 101 0.60 -16.99 11.09
CA TYR D 101 1.22 -18.24 11.56
C TYR D 101 2.51 -17.91 12.31
N HIS D 102 2.68 -18.48 13.50
CA HIS D 102 3.80 -18.16 14.40
C HIS D 102 3.93 -16.63 14.58
N GLY D 103 2.79 -15.96 14.58
CA GLY D 103 2.74 -14.55 14.90
C GLY D 103 2.88 -13.61 13.72
N GLN D 104 3.30 -14.12 12.57
CA GLN D 104 3.50 -13.28 11.38
C GLN D 104 2.39 -13.38 10.35
N GLU D 105 1.77 -12.24 10.02
CA GLU D 105 0.72 -12.19 9.00
C GLU D 105 1.32 -12.51 7.63
N PHE D 106 0.83 -13.57 6.99
CA PHE D 106 1.29 -13.92 5.63
C PHE D 106 0.32 -13.53 4.51
N ILE D 107 -0.87 -13.06 4.85
CA ILE D 107 -1.89 -12.68 3.86
C ILE D 107 -2.93 -11.66 4.36
N ARG D 108 -3.34 -10.73 3.51
CA ARG D 108 -4.38 -9.78 3.89
C ARG D 108 -5.30 -9.52 2.69
N VAL D 109 -6.57 -9.89 2.86
CA VAL D 109 -7.59 -9.75 1.82
C VAL D 109 -8.42 -8.57 2.21
N GLY D 110 -8.78 -7.72 1.26
CA GLY D 110 -9.50 -6.54 1.65
C GLY D 110 -10.54 -6.22 0.62
N TYR D 111 -11.58 -5.55 1.07
CA TYR D 111 -12.74 -5.34 0.29
C TYR D 111 -13.11 -3.94 0.59
N TYR D 112 -13.58 -3.22 -0.40
CA TYR D 112 -14.17 -1.93 -0.11
C TYR D 112 -15.57 -2.15 0.43
N VAL D 113 -15.88 -1.50 1.54
CA VAL D 113 -17.23 -1.53 2.07
C VAL D 113 -17.89 -0.16 1.90
N ASN D 114 -19.10 -0.17 1.38
CA ASN D 114 -19.91 1.04 1.33
C ASN D 114 -21.09 0.99 2.31
N ASN D 115 -21.14 1.97 3.21
CA ASN D 115 -22.28 2.11 4.09
C ASN D 115 -23.18 3.23 3.56
N GLU D 116 -24.40 2.86 3.18
CA GLU D 116 -25.29 3.72 2.41
C GLU D 116 -26.72 3.65 2.98
N TYR D 117 -27.43 4.79 2.97
CA TYR D 117 -28.85 4.79 3.34
C TYR D 117 -29.69 4.29 2.15
N LEU D 118 -30.61 3.34 2.39
CA LEU D 118 -31.50 2.86 1.35
C LEU D 118 -32.73 3.74 1.27
N ASN D 119 -32.74 4.75 2.13
CA ASN D 119 -33.85 5.68 2.23
C ASN D 119 -33.52 7.00 1.53
N PRO D 120 -34.17 7.26 0.37
CA PRO D 120 -33.88 8.37 -0.53
C PRO D 120 -33.78 9.75 0.14
N GLU D 121 -34.61 10.00 1.15
CA GLU D 121 -34.57 11.26 1.88
C GLU D 121 -33.29 11.40 2.71
N LEU D 122 -32.94 10.31 3.41
CA LEU D 122 -31.73 10.27 4.22
C LEU D 122 -30.50 10.46 3.34
N ARG D 123 -30.51 9.86 2.15
CA ARG D 123 -29.43 10.03 1.18
C ARG D 123 -29.27 11.50 0.85
N GLU D 124 -30.41 12.20 0.75
CA GLU D 124 -30.44 13.64 0.51
C GLU D 124 -29.98 14.42 1.75
N ASN D 125 -30.60 14.14 2.88
CA ASN D 125 -30.28 14.85 4.13
C ASN D 125 -29.95 13.89 5.26
N PRO D 126 -28.69 13.49 5.37
CA PRO D 126 -28.28 12.60 6.46
C PRO D 126 -28.22 13.36 7.78
N PRO D 127 -28.65 12.71 8.86
CA PRO D 127 -28.59 13.31 10.18
C PRO D 127 -27.13 13.47 10.65
N MET D 128 -26.82 14.59 11.31
CA MET D 128 -25.50 14.82 11.87
C MET D 128 -25.06 13.58 12.63
N LYS D 129 -25.95 13.10 13.48
CA LYS D 129 -25.78 11.82 14.15
C LYS D 129 -26.34 10.74 13.22
N PRO D 130 -25.46 9.88 12.68
CA PRO D 130 -25.87 8.83 11.72
C PRO D 130 -26.76 7.75 12.35
N ASP D 131 -27.80 7.31 11.63
CA ASP D 131 -28.66 6.24 12.12
C ASP D 131 -28.30 4.90 11.48
N PHE D 132 -27.71 4.02 12.28
CA PHE D 132 -27.14 2.78 11.78
C PHE D 132 -28.19 1.70 11.51
N SER D 133 -29.40 1.90 12.00
CA SER D 133 -30.50 1.00 11.68
C SER D 133 -30.98 1.21 10.25
N GLN D 134 -30.62 2.35 9.65
CA GLN D 134 -30.98 2.68 8.28
C GLN D 134 -29.89 2.40 7.25
N LEU D 135 -28.74 1.92 7.71
CA LEU D 135 -27.60 1.75 6.82
C LEU D 135 -27.46 0.32 6.31
N GLN D 136 -27.27 0.22 5.00
CA GLN D 136 -26.98 -1.07 4.39
C GLN D 136 -25.49 -1.14 4.12
N ARG D 137 -24.90 -2.29 4.40
CA ARG D 137 -23.49 -2.47 4.13
C ARG D 137 -23.30 -3.32 2.88
N ASN D 138 -22.87 -2.68 1.80
CA ASN D 138 -22.52 -3.39 0.57
C ASN D 138 -21.01 -3.57 0.45
N ILE D 139 -20.57 -4.82 0.55
CA ILE D 139 -19.18 -5.19 0.36
C ILE D 139 -18.97 -5.35 -1.14
N LEU D 140 -17.89 -4.82 -1.69
CA LEU D 140 -17.66 -5.05 -3.12
C LEU D 140 -16.84 -6.31 -3.18
N ALA D 141 -17.49 -7.42 -3.50
CA ALA D 141 -16.81 -8.70 -3.37
C ALA D 141 -16.26 -9.15 -4.71
N SER D 142 -16.43 -8.29 -5.70
CA SER D 142 -15.88 -8.51 -7.03
C SER D 142 -14.45 -7.99 -7.16
N ASN D 143 -14.04 -7.16 -6.21
CA ASN D 143 -12.70 -6.63 -6.20
C ASN D 143 -12.03 -6.84 -4.88
N PRO D 144 -11.69 -8.10 -4.57
CA PRO D 144 -10.87 -8.34 -3.38
C PRO D 144 -9.46 -7.85 -3.69
N ARG D 145 -8.72 -7.51 -2.65
CA ARG D 145 -7.34 -7.15 -2.77
C ARG D 145 -6.59 -8.17 -1.95
N VAL D 146 -5.85 -9.02 -2.61
CA VAL D 146 -5.08 -10.05 -1.91
C VAL D 146 -3.62 -9.65 -1.86
N THR D 147 -3.09 -9.51 -0.67
CA THR D 147 -1.73 -9.01 -0.47
C THR D 147 -0.94 -10.04 0.32
N ARG D 148 0.22 -10.44 -0.19
CA ARG D 148 0.97 -11.51 0.47
C ARG D 148 2.26 -10.99 1.06
N PHE D 149 2.66 -11.58 2.19
CA PHE D 149 3.88 -11.20 2.88
C PHE D 149 4.74 -12.46 3.09
N HIS D 150 6.05 -12.38 2.85
CA HIS D 150 6.93 -13.50 3.10
C HIS D 150 7.10 -13.64 4.62
N ILE D 151 6.93 -14.85 5.15
CA ILE D 151 7.07 -15.12 6.60
C ILE D 151 7.97 -16.35 6.88
N ASN D 152 8.34 -16.60 8.13
CA ASN D 152 9.10 -17.81 8.45
C ASN D 152 8.18 -18.93 8.95
N TRP D 153 8.08 -19.99 8.17
CA TRP D 153 7.38 -21.18 8.61
C TRP D 153 8.45 -21.95 9.38
N ASP D 154 8.07 -22.71 10.42
CA ASP D 154 9.01 -23.27 11.40
C ASP D 154 9.92 -22.23 12.06
#